data_7WPK
#
_entry.id   7WPK
#
_cell.length_a   59.256
_cell.length_b   72.773
_cell.length_c   119.066
_cell.angle_alpha   90.000
_cell.angle_beta   90.000
_cell.angle_gamma   90.000
#
_symmetry.space_group_name_H-M   'P 21 21 21'
#
loop_
_entity.id
_entity.type
_entity.pdbx_description
1 polymer 'Methionine--tRNA ligase'
2 non-polymer METHIONINE
3 water water
#
_entity_poly.entity_id   1
_entity_poly.type   'polypeptide(L)'
_entity_poly.pdbx_seq_one_letter_code
;MGSSHHHHHHSAKETFYITTPIYYPSGNLHIGHAYSTVAGDVIARYKRMQGYDVRYLTGTDEHGQKIQEKAQKAGKTEIE
YLDEMIAGIKQLWAKLEISNDDFIRTTEERHKHVVEQVFERLLKQGDIYLGEYEGWYSVPDETYYTESQLVDPQYENGKI
IGGKSPDSGHEVELVKEESYFFNISKYTDRLLEFYDQNPDFIQPPSRKNEMINNFIKPGLADLAVSRTSFNWGVHVPSNP
KHVVYVWIDALVNYISALGYLSDDESLFNKYWPADIHLMAKEIVRFHSIIWPILLMALDLPLPKKVFAHGWILMKDGKMS
KSKGNVVDPNILIDRYGLDATRYYLMRELPFGSDGVFTPEAFVERTNFDLANDLGNLVNRTISMVNKYFDGELPAYQGPL
HELDEEMEAMALETVKSYTESMESLQFSVALSTVWKFISRTNKYIDETTPWVLAKDDSQKDMLGNVMAHLVENIRYAAVL
LRPFLTHAPKEIFEQLNINNPQFMEFSSLEQYGVLNESIMVTGQPKPIFP
;
_entity_poly.pdbx_strand_id   A
#
# COMPACT_ATOMS: atom_id res chain seq x y z
N ALA A 12 -11.37 1.64 24.66
CA ALA A 12 -11.12 0.32 24.01
C ALA A 12 -9.83 0.37 23.15
N LYS A 13 -9.83 -0.29 21.99
CA LYS A 13 -8.67 -0.29 21.10
C LYS A 13 -8.83 0.89 20.13
N GLU A 14 -7.77 1.69 19.98
CA GLU A 14 -7.78 2.81 19.01
C GLU A 14 -7.92 2.30 17.58
N THR A 15 -8.58 3.09 16.74
CA THR A 15 -8.89 2.66 15.38
C THR A 15 -7.91 3.23 14.35
N PHE A 16 -7.79 2.52 13.24
CA PHE A 16 -6.95 2.95 12.12
C PHE A 16 -7.55 2.43 10.81
N TYR A 17 -7.97 3.34 9.94
CA TYR A 17 -8.61 2.99 8.67
C TYR A 17 -7.72 3.39 7.50
N ILE A 18 -7.17 2.38 6.82
CA ILE A 18 -6.30 2.59 5.65
C ILE A 18 -6.93 1.93 4.42
N THR A 19 -6.79 2.59 3.27
CA THR A 19 -7.46 2.14 2.03
C THR A 19 -6.50 2.16 0.84
N THR A 20 -6.62 1.16 -0.02
CA THR A 20 -5.99 1.18 -1.35
C THR A 20 -7.02 1.80 -2.31
N PRO A 21 -6.58 2.21 -3.51
CA PRO A 21 -7.58 2.63 -4.50
C PRO A 21 -8.26 1.40 -5.11
N ILE A 22 -9.55 1.54 -5.44
CA ILE A 22 -10.28 0.46 -6.10
C ILE A 22 -9.92 0.46 -7.59
N TYR A 23 -9.44 -0.68 -8.09
CA TYR A 23 -8.80 -0.76 -9.42
C TYR A 23 -9.78 -1.15 -10.51
N TYR A 24 -9.49 -0.72 -11.75
CA TYR A 24 -10.28 -1.14 -12.91
C TYR A 24 -9.91 -2.58 -13.27
N PRO A 25 -10.90 -3.51 -13.33
CA PRO A 25 -10.61 -4.85 -13.86
C PRO A 25 -10.48 -4.82 -15.39
N SER A 26 -9.34 -4.32 -15.86
CA SER A 26 -9.12 -4.01 -17.27
C SER A 26 -8.32 -5.08 -18.05
N GLY A 27 -7.60 -5.94 -17.35
CA GLY A 27 -6.83 -6.99 -18.00
C GLY A 27 -5.86 -7.70 -17.06
N ASN A 28 -4.65 -7.20 -17.00
CA ASN A 28 -3.59 -7.77 -16.17
C ASN A 28 -3.08 -6.71 -15.20
N LEU A 29 -3.10 -7.02 -13.90
CA LEU A 29 -2.49 -6.17 -12.90
C LEU A 29 -0.97 -6.23 -13.03
N HIS A 30 -0.34 -5.16 -12.59
CA HIS A 30 1.10 -4.92 -12.74
C HIS A 30 1.65 -4.75 -11.34
N ILE A 31 2.98 -4.81 -11.21
CA ILE A 31 3.63 -4.60 -9.92
C ILE A 31 3.39 -3.20 -9.29
N GLY A 32 2.90 -2.25 -10.08
CA GLY A 32 2.49 -0.93 -9.58
C GLY A 32 1.25 -0.98 -8.71
N HIS A 33 0.22 -1.71 -9.14
CA HIS A 33 -0.98 -1.94 -8.32
C HIS A 33 -0.72 -2.95 -7.21
N ALA A 34 0.17 -3.91 -7.45
CA ALA A 34 0.63 -4.83 -6.40
C ALA A 34 1.45 -4.11 -5.33
N TYR A 35 2.18 -3.05 -5.71
CA TYR A 35 2.88 -2.22 -4.74
C TYR A 35 1.89 -1.52 -3.80
N SER A 36 0.86 -0.90 -4.39
CA SER A 36 -0.18 -0.21 -3.62
C SER A 36 -0.82 -1.13 -2.59
N THR A 37 -1.14 -2.36 -3.01
CA THR A 37 -1.79 -3.34 -2.15
C THR A 37 -0.84 -3.94 -1.10
N VAL A 38 0.40 -4.21 -1.49
CA VAL A 38 1.42 -4.74 -0.56
C VAL A 38 1.81 -3.69 0.49
N ALA A 39 1.92 -2.42 0.08
CA ALA A 39 2.27 -1.32 0.98
C ALA A 39 1.18 -1.02 2.00
N GLY A 40 -0.08 -1.05 1.55
CA GLY A 40 -1.22 -0.90 2.45
C GLY A 40 -1.34 -2.03 3.46
N ASP A 41 -0.96 -3.24 3.03
CA ASP A 41 -0.92 -4.41 3.91
C ASP A 41 0.19 -4.29 4.96
N VAL A 42 1.36 -3.82 4.53
CA VAL A 42 2.48 -3.52 5.43
C VAL A 42 2.06 -2.52 6.51
N ILE A 43 1.30 -1.50 6.14
CA ILE A 43 0.74 -0.52 7.09
C ILE A 43 -0.25 -1.20 8.04
N ALA A 44 -1.17 -1.98 7.48
CA ALA A 44 -2.23 -2.65 8.25
C ALA A 44 -1.66 -3.65 9.26
N ARG A 45 -0.79 -4.54 8.78
CA ARG A 45 -0.07 -5.49 9.64
C ARG A 45 0.75 -4.80 10.74
N TYR A 46 1.43 -3.73 10.37
CA TYR A 46 2.21 -2.92 11.31
C TYR A 46 1.32 -2.32 12.39
N LYS A 47 0.20 -1.70 11.99
CA LYS A 47 -0.74 -1.09 12.93
C LYS A 47 -1.46 -2.12 13.83
N ARG A 48 -1.75 -3.30 13.29
CA ARG A 48 -2.32 -4.39 14.10
C ARG A 48 -1.34 -4.93 15.14
N MET A 49 -0.05 -4.92 14.83
CA MET A 49 0.99 -5.32 15.78
C MET A 49 1.20 -4.30 16.92
N GLN A 50 0.80 -3.05 16.71
CA GLN A 50 0.89 -2.00 17.74
C GLN A 50 -0.35 -1.91 18.64
N GLY A 51 -1.38 -2.70 18.35
CA GLY A 51 -2.62 -2.72 19.14
C GLY A 51 -3.62 -1.68 18.70
N TYR A 52 -3.78 -1.53 17.38
CA TYR A 52 -4.89 -0.75 16.81
C TYR A 52 -5.96 -1.71 16.31
N ASP A 53 -7.19 -1.21 16.29
CA ASP A 53 -8.31 -1.87 15.65
C ASP A 53 -8.26 -1.41 14.19
N VAL A 54 -7.67 -2.23 13.33
CA VAL A 54 -7.39 -1.84 11.95
C VAL A 54 -8.48 -2.33 11.02
N ARG A 55 -8.91 -1.44 10.12
CA ARG A 55 -9.73 -1.82 8.97
C ARG A 55 -8.93 -1.48 7.72
N TYR A 56 -8.65 -2.50 6.92
CA TYR A 56 -7.90 -2.32 5.68
C TYR A 56 -8.79 -2.71 4.50
N LEU A 57 -9.13 -1.71 3.69
CA LEU A 57 -10.05 -1.89 2.57
C LEU A 57 -9.33 -1.84 1.22
N THR A 58 -9.73 -2.75 0.33
CA THR A 58 -9.42 -2.67 -1.09
C THR A 58 -10.70 -3.00 -1.86
N GLY A 59 -10.63 -2.98 -3.19
CA GLY A 59 -11.80 -3.29 -4.00
C GLY A 59 -11.59 -3.07 -5.48
N THR A 60 -12.68 -2.88 -6.21
CA THR A 60 -12.61 -2.69 -7.67
C THR A 60 -13.65 -1.71 -8.22
N ASP A 61 -13.26 -1.10 -9.34
CA ASP A 61 -13.98 -0.01 -9.98
C ASP A 61 -14.57 -0.57 -11.27
N GLU A 62 -15.86 -0.92 -11.21
CA GLU A 62 -16.48 -1.79 -12.20
C GLU A 62 -17.41 -1.12 -13.19
N HIS A 63 -17.72 0.16 -13.00
CA HIS A 63 -18.62 0.89 -13.88
C HIS A 63 -17.85 1.76 -14.87
N GLY A 64 -18.59 2.30 -15.84
CA GLY A 64 -18.04 3.22 -16.83
C GLY A 64 -18.12 2.71 -18.25
N GLN A 65 -17.71 3.57 -19.17
CA GLN A 65 -17.70 3.28 -20.60
C GLN A 65 -16.53 2.34 -20.92
N LYS A 66 -15.37 2.61 -20.32
CA LYS A 66 -14.14 1.82 -20.46
C LYS A 66 -14.35 0.33 -20.22
N ILE A 67 -14.88 0.00 -19.03
CA ILE A 67 -15.18 -1.39 -18.65
C ILE A 67 -16.22 -1.98 -19.60
N GLN A 68 -17.24 -1.19 -19.92
CA GLN A 68 -18.33 -1.63 -20.79
C GLN A 68 -17.82 -1.97 -22.20
N GLU A 69 -16.92 -1.15 -22.74
CA GLU A 69 -16.29 -1.44 -24.04
C GLU A 69 -15.40 -2.67 -23.99
N LYS A 70 -14.68 -2.85 -22.88
CA LYS A 70 -13.82 -4.04 -22.69
C LYS A 70 -14.62 -5.34 -22.66
N ALA A 71 -15.76 -5.32 -21.97
CA ALA A 71 -16.69 -6.46 -21.94
C ALA A 71 -17.43 -6.63 -23.27
N GLN A 72 -17.76 -5.51 -23.92
CA GLN A 72 -18.34 -5.50 -25.27
C GLN A 72 -17.37 -6.11 -26.30
N LYS A 73 -16.11 -5.67 -26.26
CA LYS A 73 -15.05 -6.18 -27.14
C LYS A 73 -14.79 -7.66 -26.89
N ALA A 74 -14.84 -8.07 -25.62
CA ALA A 74 -14.65 -9.47 -25.22
C ALA A 74 -15.75 -10.42 -25.69
N GLY A 75 -16.91 -9.90 -26.06
CA GLY A 75 -18.06 -10.71 -26.45
C GLY A 75 -18.78 -11.24 -25.22
N LYS A 76 -18.77 -10.45 -24.16
CA LYS A 76 -19.30 -10.83 -22.85
C LYS A 76 -20.30 -9.80 -22.35
N THR A 77 -21.02 -10.16 -21.29
CA THR A 77 -21.76 -9.19 -20.48
C THR A 77 -20.78 -8.51 -19.54
N GLU A 78 -21.23 -7.44 -18.89
CA GLU A 78 -20.36 -6.68 -18.00
C GLU A 78 -20.09 -7.50 -16.73
N ILE A 79 -21.14 -8.07 -16.14
CA ILE A 79 -21.02 -8.91 -14.95
C ILE A 79 -20.14 -10.15 -15.16
N GLU A 80 -20.34 -10.88 -16.26
CA GLU A 80 -19.52 -12.07 -16.54
C GLU A 80 -18.05 -11.71 -16.77
N TYR A 81 -17.82 -10.67 -17.58
CA TYR A 81 -16.47 -10.14 -17.80
C TYR A 81 -15.85 -9.68 -16.48
N LEU A 82 -16.62 -8.93 -15.69
CA LEU A 82 -16.15 -8.46 -14.37
C LEU A 82 -15.86 -9.63 -13.42
N ASP A 83 -16.84 -10.51 -13.23
CA ASP A 83 -16.66 -11.71 -12.38
C ASP A 83 -15.39 -12.50 -12.69
N GLU A 84 -15.02 -12.60 -13.97
CA GLU A 84 -13.79 -13.28 -14.39
C GLU A 84 -12.51 -12.49 -14.04
N MET A 85 -12.52 -11.18 -14.27
CA MET A 85 -11.36 -10.32 -13.96
C MET A 85 -11.14 -10.20 -12.45
N ILE A 86 -12.25 -10.06 -11.72
CA ILE A 86 -12.23 -9.96 -10.25
C ILE A 86 -11.71 -11.24 -9.59
N ALA A 87 -12.06 -12.38 -10.18
CA ALA A 87 -11.57 -13.69 -9.71
C ALA A 87 -10.04 -13.80 -9.77
N GLY A 88 -9.45 -13.27 -10.85
CA GLY A 88 -8.00 -13.22 -11.02
C GLY A 88 -7.30 -12.16 -10.17
N ILE A 89 -7.99 -11.05 -9.91
CA ILE A 89 -7.50 -10.00 -9.00
C ILE A 89 -7.39 -10.52 -7.57
N LYS A 90 -8.45 -11.19 -7.11
CA LYS A 90 -8.48 -11.78 -5.76
C LYS A 90 -7.54 -13.00 -5.60
N GLN A 91 -7.34 -13.74 -6.68
CA GLN A 91 -6.28 -14.78 -6.73
C GLN A 91 -4.91 -14.18 -6.37
N LEU A 92 -4.63 -12.99 -6.91
CA LEU A 92 -3.35 -12.31 -6.70
C LEU A 92 -3.19 -11.85 -5.24
N TRP A 93 -4.24 -11.27 -4.67
CA TRP A 93 -4.20 -10.78 -3.27
C TRP A 93 -4.05 -11.92 -2.26
N ALA A 94 -4.73 -13.03 -2.50
CA ALA A 94 -4.57 -14.24 -1.68
C ALA A 94 -3.14 -14.79 -1.74
N LYS A 95 -2.53 -14.68 -2.94
CA LYS A 95 -1.16 -15.14 -3.18
C LYS A 95 -0.13 -14.19 -2.58
N LEU A 96 -0.35 -12.88 -2.73
CA LEU A 96 0.46 -11.85 -2.06
C LEU A 96 0.25 -11.82 -0.53
N GLU A 97 -0.87 -12.38 -0.08
CA GLU A 97 -1.23 -12.53 1.34
C GLU A 97 -1.53 -11.19 1.96
N ILE A 98 -2.57 -10.58 1.40
CA ILE A 98 -3.04 -9.26 1.78
C ILE A 98 -4.09 -9.47 2.87
N SER A 99 -3.95 -8.73 3.97
CA SER A 99 -4.81 -8.87 5.14
C SER A 99 -5.92 -7.81 5.11
N ASN A 100 -6.59 -7.70 3.96
CA ASN A 100 -7.69 -6.76 3.79
C ASN A 100 -8.92 -7.28 4.55
N ASP A 101 -9.51 -6.41 5.37
CA ASP A 101 -10.67 -6.77 6.17
C ASP A 101 -11.97 -6.76 5.35
N ASP A 102 -11.95 -6.11 4.20
CA ASP A 102 -13.11 -6.05 3.30
C ASP A 102 -12.67 -5.84 1.85
N PHE A 103 -13.49 -6.33 0.93
CA PHE A 103 -13.31 -6.13 -0.52
C PHE A 103 -14.60 -5.50 -1.05
N ILE A 104 -14.50 -4.29 -1.62
CA ILE A 104 -15.68 -3.54 -2.08
C ILE A 104 -15.75 -3.49 -3.62
N ARG A 105 -16.80 -4.11 -4.17
CA ARG A 105 -17.10 -4.05 -5.60
C ARG A 105 -18.20 -3.02 -5.81
N THR A 106 -18.03 -2.14 -6.80
CA THR A 106 -18.99 -1.06 -7.06
C THR A 106 -20.34 -1.56 -7.64
N THR A 107 -20.34 -2.76 -8.24
CA THR A 107 -21.59 -3.40 -8.69
C THR A 107 -22.44 -3.99 -7.54
N GLU A 108 -21.93 -3.99 -6.31
CA GLU A 108 -22.70 -4.39 -5.14
C GLU A 108 -23.73 -3.32 -4.78
N GLU A 109 -24.92 -3.76 -4.39
CA GLU A 109 -26.02 -2.86 -4.07
C GLU A 109 -25.79 -2.02 -2.80
N ARG A 110 -25.03 -2.56 -1.84
CA ARG A 110 -24.63 -1.80 -0.65
C ARG A 110 -23.80 -0.54 -1.00
N HIS A 111 -23.07 -0.60 -2.11
CA HIS A 111 -22.37 0.56 -2.65
C HIS A 111 -23.30 1.42 -3.49
N LYS A 112 -23.99 0.80 -4.45
CA LYS A 112 -24.83 1.50 -5.43
C LYS A 112 -25.90 2.40 -4.81
N HIS A 113 -26.53 1.92 -3.74
CA HIS A 113 -27.56 2.70 -3.04
C HIS A 113 -27.02 3.95 -2.35
N VAL A 114 -25.75 3.91 -1.92
CA VAL A 114 -25.10 5.08 -1.33
C VAL A 114 -24.76 6.13 -2.42
N VAL A 115 -24.38 5.66 -3.61
CA VAL A 115 -24.07 6.56 -4.73
C VAL A 115 -25.34 7.29 -5.19
N GLU A 116 -26.46 6.56 -5.22
CA GLU A 116 -27.77 7.12 -5.55
C GLU A 116 -28.22 8.19 -4.55
N GLN A 117 -28.13 7.87 -3.26
CA GLN A 117 -28.54 8.79 -2.19
C GLN A 117 -27.65 10.03 -2.09
N VAL A 118 -26.34 9.86 -2.28
CA VAL A 118 -25.40 10.98 -2.35
C VAL A 118 -25.72 11.91 -3.53
N PHE A 119 -26.07 11.33 -4.68
CA PHE A 119 -26.40 12.11 -5.89
C PHE A 119 -27.74 12.84 -5.75
N GLU A 120 -28.76 12.12 -5.26
CA GLU A 120 -30.09 12.70 -5.00
C GLU A 120 -30.05 13.86 -4.02
N ARG A 121 -29.25 13.69 -2.96
CA ARG A 121 -29.10 14.68 -1.91
C ARG A 121 -28.43 15.97 -2.42
N LEU A 122 -27.32 15.81 -3.13
CA LEU A 122 -26.63 16.94 -3.79
C LEU A 122 -27.53 17.71 -4.78
N LEU A 123 -28.37 16.97 -5.50
CA LEU A 123 -29.41 17.57 -6.37
C LEU A 123 -30.41 18.44 -5.60
N LYS A 124 -30.89 17.92 -4.47
CA LYS A 124 -31.86 18.63 -3.63
C LYS A 124 -31.26 19.85 -2.93
N GLN A 125 -29.98 19.77 -2.57
CA GLN A 125 -29.22 20.91 -2.01
C GLN A 125 -29.01 22.04 -3.02
N GLY A 126 -29.02 21.72 -4.31
CA GLY A 126 -28.67 22.65 -5.37
C GLY A 126 -27.19 22.59 -5.73
N ASP A 127 -26.47 21.62 -5.16
CA ASP A 127 -25.04 21.41 -5.46
C ASP A 127 -24.85 20.81 -6.85
N ILE A 128 -25.79 19.95 -7.26
CA ILE A 128 -25.82 19.39 -8.61
C ILE A 128 -26.93 20.08 -9.42
N TYR A 129 -26.58 20.56 -10.61
CA TYR A 129 -27.53 21.18 -11.55
C TYR A 129 -27.32 20.63 -12.95
N LEU A 130 -28.35 20.70 -13.78
CA LEU A 130 -28.33 20.13 -15.13
C LEU A 130 -27.74 21.11 -16.16
N GLY A 131 -27.03 20.57 -17.13
CA GLY A 131 -26.44 21.37 -18.21
C GLY A 131 -25.97 20.51 -19.37
N GLU A 132 -24.95 20.98 -20.09
CA GLU A 132 -24.31 20.23 -21.16
C GLU A 132 -22.80 20.38 -21.02
N TYR A 133 -22.10 19.25 -20.91
CA TYR A 133 -20.65 19.24 -21.03
C TYR A 133 -20.28 19.16 -22.50
N GLU A 134 -19.51 20.14 -22.96
CA GLU A 134 -18.83 20.06 -24.25
C GLU A 134 -17.33 20.09 -23.96
N GLY A 135 -16.59 19.17 -24.56
CA GLY A 135 -15.15 19.11 -24.41
C GLY A 135 -14.57 17.75 -24.67
N TRP A 136 -13.39 17.53 -24.11
CA TRP A 136 -12.57 16.36 -24.40
C TRP A 136 -12.67 15.32 -23.30
N TYR A 137 -12.55 14.06 -23.69
CA TYR A 137 -12.61 12.95 -22.75
C TYR A 137 -11.81 11.76 -23.25
N SER A 138 -11.02 11.19 -22.35
CA SER A 138 -10.32 9.94 -22.58
C SER A 138 -11.08 8.87 -21.83
N VAL A 139 -11.75 7.98 -22.57
CA VAL A 139 -12.48 6.85 -21.94
C VAL A 139 -11.50 5.81 -21.36
N PRO A 140 -10.31 5.61 -21.98
CA PRO A 140 -9.28 4.78 -21.33
C PRO A 140 -8.70 5.33 -20.02
N ASP A 141 -8.76 6.64 -19.81
CA ASP A 141 -8.39 7.27 -18.52
C ASP A 141 -9.61 7.56 -17.64
N GLU A 142 -10.79 7.67 -18.25
CA GLU A 142 -12.04 8.08 -17.59
C GLU A 142 -11.88 9.48 -16.98
N THR A 143 -11.31 10.39 -17.77
CA THR A 143 -10.91 11.72 -17.32
C THR A 143 -11.32 12.78 -18.33
N TYR A 144 -11.95 13.85 -17.85
CA TYR A 144 -12.26 15.02 -18.67
C TYR A 144 -11.00 15.86 -18.82
N TYR A 145 -10.71 16.29 -20.04
CA TYR A 145 -9.56 17.16 -20.33
C TYR A 145 -10.00 18.46 -21.00
N THR A 146 -9.16 19.50 -20.86
CA THR A 146 -9.33 20.75 -21.57
C THR A 146 -8.39 20.79 -22.79
N GLU A 147 -8.68 21.70 -23.72
CA GLU A 147 -7.89 21.93 -24.94
C GLU A 147 -6.37 21.88 -24.74
N SER A 148 -5.88 22.66 -23.78
CA SER A 148 -4.44 22.81 -23.55
C SER A 148 -3.76 21.62 -22.86
N GLN A 149 -4.55 20.77 -22.20
CA GLN A 149 -4.02 19.56 -21.55
C GLN A 149 -3.73 18.45 -22.55
N LEU A 150 -4.39 18.50 -23.71
CA LEU A 150 -4.15 17.54 -24.80
C LEU A 150 -2.70 17.49 -25.26
N VAL A 151 -2.25 16.28 -25.60
CA VAL A 151 -0.89 15.97 -26.03
C VAL A 151 -0.98 15.53 -27.49
N ASP A 152 -0.06 16.03 -28.31
CA ASP A 152 -0.12 15.94 -29.78
C ASP A 152 -1.46 16.47 -30.33
N PRO A 153 -1.79 17.75 -30.04
CA PRO A 153 -3.06 18.33 -30.49
C PRO A 153 -3.16 18.56 -31.99
N GLN A 154 -4.40 18.63 -32.48
CA GLN A 154 -4.72 18.85 -33.89
C GLN A 154 -5.35 20.23 -34.08
N TYR A 155 -4.63 21.15 -34.71
CA TYR A 155 -5.15 22.49 -35.01
C TYR A 155 -5.71 22.55 -36.43
N GLU A 156 -6.91 23.12 -36.57
CA GLU A 156 -7.53 23.34 -37.88
C GLU A 156 -8.24 24.70 -37.87
N ASN A 157 -7.64 25.68 -38.57
CA ASN A 157 -8.05 27.08 -38.54
C ASN A 157 -7.99 27.67 -37.12
N GLY A 158 -6.88 27.40 -36.44
CA GLY A 158 -6.63 27.93 -35.09
C GLY A 158 -7.43 27.34 -33.94
N LYS A 159 -8.08 26.18 -34.16
CA LYS A 159 -8.93 25.56 -33.13
C LYS A 159 -8.54 24.09 -32.99
N ILE A 160 -8.43 23.63 -31.75
CA ILE A 160 -8.06 22.25 -31.45
C ILE A 160 -9.27 21.33 -31.76
N ILE A 161 -9.06 20.37 -32.65
CA ILE A 161 -10.10 19.43 -33.12
C ILE A 161 -9.74 17.97 -32.83
N GLY A 162 -8.76 17.76 -31.96
CA GLY A 162 -8.28 16.42 -31.64
C GLY A 162 -7.01 16.47 -30.83
N GLY A 163 -6.65 15.34 -30.24
CA GLY A 163 -5.47 15.23 -29.40
C GLY A 163 -5.45 13.92 -28.64
N LYS A 164 -4.46 13.78 -27.76
CA LYS A 164 -4.31 12.59 -26.92
C LYS A 164 -4.14 12.97 -25.46
N SER A 165 -4.38 12.00 -24.58
CA SER A 165 -4.34 12.22 -23.14
C SER A 165 -2.89 12.37 -22.65
N PRO A 166 -2.63 13.34 -21.75
CA PRO A 166 -1.29 13.46 -21.17
C PRO A 166 -0.87 12.29 -20.25
N ASP A 167 -1.86 11.59 -19.67
CA ASP A 167 -1.58 10.44 -18.81
C ASP A 167 -1.28 9.19 -19.62
N SER A 168 -2.26 8.70 -20.38
CA SER A 168 -2.15 7.43 -21.11
C SER A 168 -1.55 7.55 -22.52
N GLY A 169 -1.75 8.70 -23.17
CA GLY A 169 -1.37 8.89 -24.57
C GLY A 169 -2.40 8.38 -25.55
N HIS A 170 -3.60 8.04 -25.06
CA HIS A 170 -4.69 7.54 -25.91
C HIS A 170 -5.44 8.69 -26.56
N GLU A 171 -6.04 8.42 -27.71
CA GLU A 171 -6.80 9.43 -28.45
C GLU A 171 -8.02 9.91 -27.67
N VAL A 172 -8.13 11.22 -27.56
CA VAL A 172 -9.19 11.89 -26.81
C VAL A 172 -10.37 12.08 -27.78
N GLU A 173 -11.60 11.90 -27.27
CA GLU A 173 -12.80 12.03 -28.11
C GLU A 173 -13.67 13.21 -27.66
N LEU A 174 -14.48 13.71 -28.59
CA LEU A 174 -15.31 14.89 -28.35
C LEU A 174 -16.59 14.46 -27.65
N VAL A 175 -16.92 15.15 -26.56
CA VAL A 175 -18.18 14.96 -25.84
C VAL A 175 -19.02 16.20 -26.09
N LYS A 176 -20.32 15.98 -26.28
CA LYS A 176 -21.29 17.05 -26.52
C LYS A 176 -22.67 16.49 -26.19
N GLU A 177 -22.94 16.39 -24.88
CA GLU A 177 -24.17 15.77 -24.40
C GLU A 177 -24.63 16.33 -23.06
N GLU A 178 -25.88 16.03 -22.73
CA GLU A 178 -26.52 16.52 -21.51
C GLU A 178 -25.86 15.89 -20.28
N SER A 179 -25.56 16.72 -19.28
CA SER A 179 -24.82 16.28 -18.10
C SER A 179 -25.17 17.10 -16.86
N TYR A 180 -25.16 16.43 -15.70
CA TYR A 180 -25.29 17.09 -14.40
C TYR A 180 -23.92 17.61 -13.97
N PHE A 181 -23.90 18.81 -13.41
CA PHE A 181 -22.67 19.47 -12.96
C PHE A 181 -22.66 19.67 -11.45
N PHE A 182 -21.62 19.16 -10.81
CA PHE A 182 -21.39 19.37 -9.38
C PHE A 182 -20.66 20.71 -9.24
N ASN A 183 -21.26 21.63 -8.49
CA ASN A 183 -20.72 22.99 -8.33
C ASN A 183 -19.51 22.99 -7.39
N ILE A 184 -18.38 22.48 -7.89
CA ILE A 184 -17.15 22.39 -7.10
C ILE A 184 -16.39 23.73 -7.07
N SER A 185 -16.72 24.61 -8.01
CA SER A 185 -16.10 25.94 -8.12
C SER A 185 -16.24 26.81 -6.87
N LYS A 186 -17.39 26.71 -6.19
CA LYS A 186 -17.66 27.53 -5.00
C LYS A 186 -16.94 27.06 -3.72
N TYR A 187 -16.32 25.88 -3.75
CA TYR A 187 -15.49 25.37 -2.64
C TYR A 187 -14.00 25.66 -2.82
N THR A 188 -13.63 26.48 -3.80
CA THR A 188 -12.22 26.74 -4.15
C THR A 188 -11.41 27.34 -2.99
N ASP A 189 -11.95 28.39 -2.37
CA ASP A 189 -11.27 29.06 -1.25
C ASP A 189 -11.27 28.24 0.03
N ARG A 190 -12.33 27.45 0.24
CA ARG A 190 -12.44 26.55 1.41
C ARG A 190 -11.42 25.41 1.33
N LEU A 191 -11.24 24.84 0.14
CA LEU A 191 -10.21 23.82 -0.10
C LEU A 191 -8.80 24.43 0.04
N LEU A 192 -8.61 25.63 -0.49
CA LEU A 192 -7.34 26.38 -0.32
C LEU A 192 -7.04 26.70 1.15
N GLU A 193 -8.07 27.06 1.91
CA GLU A 193 -7.94 27.28 3.36
C GLU A 193 -7.62 25.98 4.11
N PHE A 194 -8.16 24.87 3.64
CA PHE A 194 -7.86 23.53 4.16
C PHE A 194 -6.38 23.15 3.99
N TYR A 195 -5.78 23.51 2.86
CA TYR A 195 -4.33 23.30 2.62
C TYR A 195 -3.44 24.19 3.50
N ASP A 196 -3.95 25.36 3.87
CA ASP A 196 -3.24 26.29 4.76
C ASP A 196 -3.17 25.74 6.18
N GLN A 197 -4.32 25.27 6.69
CA GLN A 197 -4.43 24.65 8.02
C GLN A 197 -3.72 23.30 8.12
N ASN A 198 -3.78 22.51 7.04
CA ASN A 198 -3.26 21.14 7.00
C ASN A 198 -2.29 20.98 5.83
N PRO A 199 -1.05 21.50 5.96
CA PRO A 199 -0.08 21.36 4.86
C PRO A 199 0.51 19.96 4.70
N ASP A 200 0.40 19.11 5.73
CA ASP A 200 0.84 17.72 5.67
C ASP A 200 -0.14 16.77 4.96
N PHE A 201 -1.34 17.26 4.62
CA PHE A 201 -2.43 16.44 4.04
C PHE A 201 -1.97 15.46 2.95
N ILE A 202 -1.17 15.95 2.00
CA ILE A 202 -0.60 15.12 0.94
C ILE A 202 0.83 14.74 1.32
N GLN A 203 1.10 13.43 1.33
CA GLN A 203 2.42 12.87 1.63
C GLN A 203 2.95 12.15 0.38
N PRO A 204 4.16 12.46 -0.08
CA PRO A 204 5.02 13.52 0.44
C PRO A 204 4.49 14.92 0.10
N PRO A 205 4.86 15.96 0.90
CA PRO A 205 4.43 17.34 0.59
C PRO A 205 4.89 17.91 -0.76
N SER A 206 5.94 17.33 -1.35
CA SER A 206 6.43 17.74 -2.68
C SER A 206 5.43 17.60 -3.84
N ARG A 207 4.44 16.72 -3.69
CA ARG A 207 3.43 16.50 -4.73
C ARG A 207 2.26 17.50 -4.72
N LYS A 208 2.16 18.32 -3.68
CA LYS A 208 1.02 19.24 -3.50
C LYS A 208 1.06 20.44 -4.46
N ASN A 209 2.19 21.14 -4.51
CA ASN A 209 2.31 22.40 -5.26
C ASN A 209 2.07 22.25 -6.77
N GLU A 210 2.54 21.16 -7.35
CA GLU A 210 2.27 20.83 -8.76
C GLU A 210 0.78 20.58 -9.00
N MET A 211 0.16 19.89 -8.05
CA MET A 211 -1.26 19.57 -8.13
C MET A 211 -2.17 20.78 -7.94
N ILE A 212 -1.79 21.72 -7.06
CA ILE A 212 -2.49 23.00 -6.92
C ILE A 212 -2.26 23.87 -8.16
N ASN A 213 -1.01 23.92 -8.63
CA ASN A 213 -0.62 24.72 -9.80
C ASN A 213 -1.31 24.26 -11.09
N ASN A 214 -1.30 22.94 -11.33
CA ASN A 214 -1.90 22.38 -12.55
C ASN A 214 -3.43 22.40 -12.53
N PHE A 215 -4.04 22.04 -11.39
CA PHE A 215 -5.49 21.75 -11.34
C PHE A 215 -6.39 22.78 -10.64
N ILE A 216 -5.87 23.53 -9.67
CA ILE A 216 -6.68 24.55 -8.96
C ILE A 216 -6.43 25.98 -9.45
N LYS A 217 -5.16 26.37 -9.58
CA LYS A 217 -4.80 27.75 -10.00
C LYS A 217 -5.56 28.28 -11.22
N PRO A 218 -5.61 27.52 -12.33
CA PRO A 218 -6.35 28.01 -13.51
C PRO A 218 -7.89 28.11 -13.36
N GLY A 219 -8.43 27.64 -12.24
CA GLY A 219 -9.85 27.81 -11.90
C GLY A 219 -10.53 26.46 -11.85
N LEU A 220 -11.15 26.14 -10.71
CA LEU A 220 -11.93 24.90 -10.59
C LEU A 220 -13.21 25.03 -11.39
N ALA A 221 -13.21 24.48 -12.60
CA ALA A 221 -14.41 24.38 -13.42
C ALA A 221 -15.35 23.36 -12.81
N ASP A 222 -16.65 23.57 -12.99
CA ASP A 222 -17.66 22.65 -12.47
C ASP A 222 -17.54 21.29 -13.16
N LEU A 223 -17.66 20.23 -12.36
CA LEU A 223 -17.35 18.87 -12.78
C LEU A 223 -18.60 18.19 -13.32
N ALA A 224 -18.52 17.67 -14.55
CA ALA A 224 -19.61 16.90 -15.14
C ALA A 224 -19.68 15.54 -14.45
N VAL A 225 -20.70 15.36 -13.61
CA VAL A 225 -20.81 14.19 -12.72
C VAL A 225 -21.83 13.14 -13.16
N SER A 226 -22.46 13.34 -14.32
CA SER A 226 -23.34 12.35 -14.92
C SER A 226 -23.05 12.19 -16.41
N ARG A 227 -23.63 11.15 -17.00
CA ARG A 227 -23.44 10.83 -18.40
C ARG A 227 -24.70 10.22 -19.00
N THR A 228 -25.03 10.63 -20.23
CA THR A 228 -26.27 10.24 -20.90
C THR A 228 -26.07 9.22 -22.04
N SER A 229 -24.85 9.11 -22.58
CA SER A 229 -24.59 8.28 -23.77
C SER A 229 -24.58 6.79 -23.47
N PHE A 230 -23.80 6.38 -22.46
CA PHE A 230 -23.60 4.96 -22.14
C PHE A 230 -24.50 4.50 -20.99
N ASN A 231 -24.59 3.18 -20.85
CA ASN A 231 -25.55 2.53 -19.94
C ASN A 231 -24.92 2.01 -18.64
N TRP A 232 -23.66 1.57 -18.71
CA TRP A 232 -23.02 0.86 -17.60
C TRP A 232 -22.55 1.76 -16.45
N GLY A 233 -23.42 1.94 -15.46
CA GLY A 233 -23.08 2.66 -14.22
C GLY A 233 -24.26 2.80 -13.30
N VAL A 234 -24.08 3.49 -12.18
CA VAL A 234 -25.16 3.77 -11.25
C VAL A 234 -26.05 4.82 -11.89
N HIS A 235 -27.36 4.55 -11.95
CA HIS A 235 -28.31 5.47 -12.58
C HIS A 235 -28.76 6.53 -11.58
N VAL A 236 -28.97 7.75 -12.07
CA VAL A 236 -29.49 8.85 -11.26
C VAL A 236 -30.97 8.52 -11.00
N PRO A 237 -31.39 8.40 -9.72
CA PRO A 237 -32.78 7.99 -9.44
C PRO A 237 -33.89 8.94 -9.95
N SER A 238 -33.66 10.25 -9.83
CA SER A 238 -34.61 11.25 -10.36
C SER A 238 -34.70 11.23 -11.88
N ASN A 239 -33.58 10.91 -12.54
CA ASN A 239 -33.46 10.98 -13.99
C ASN A 239 -32.70 9.75 -14.52
N PRO A 240 -33.38 8.56 -14.56
CA PRO A 240 -32.76 7.27 -14.89
C PRO A 240 -31.93 7.17 -16.19
N LYS A 241 -32.17 8.06 -17.15
CA LYS A 241 -31.34 8.10 -18.37
C LYS A 241 -29.90 8.57 -18.10
N HIS A 242 -29.71 9.32 -17.01
CA HIS A 242 -28.37 9.73 -16.57
C HIS A 242 -27.72 8.62 -15.75
N VAL A 243 -26.48 8.31 -16.11
CA VAL A 243 -25.66 7.33 -15.40
C VAL A 243 -24.55 8.13 -14.70
N VAL A 244 -24.31 7.81 -13.43
CA VAL A 244 -23.38 8.57 -12.59
C VAL A 244 -21.93 8.32 -13.05
N TYR A 245 -21.19 9.42 -13.15
CA TYR A 245 -19.77 9.43 -13.52
C TYR A 245 -18.95 8.50 -12.64
N VAL A 246 -18.04 7.74 -13.25
CA VAL A 246 -17.35 6.62 -12.59
C VAL A 246 -16.54 7.09 -11.38
N TRP A 247 -15.89 8.24 -11.49
CA TRP A 247 -15.02 8.74 -10.42
C TRP A 247 -15.76 9.24 -9.17
N ILE A 248 -16.97 9.77 -9.35
CA ILE A 248 -17.86 10.07 -8.22
C ILE A 248 -18.39 8.76 -7.63
N ASP A 249 -18.87 7.88 -8.51
CA ASP A 249 -19.29 6.51 -8.14
C ASP A 249 -18.20 5.74 -7.38
N ALA A 250 -16.97 5.83 -7.87
CA ALA A 250 -15.84 5.09 -7.30
C ALA A 250 -15.35 5.67 -5.97
N LEU A 251 -15.24 7.00 -5.90
CA LEU A 251 -14.72 7.69 -4.70
C LEU A 251 -15.46 7.38 -3.40
N VAL A 252 -16.78 7.22 -3.48
CA VAL A 252 -17.61 6.95 -2.30
C VAL A 252 -17.51 5.51 -1.75
N ASN A 253 -16.68 4.66 -2.35
CA ASN A 253 -16.46 3.29 -1.84
C ASN A 253 -15.85 3.26 -0.43
N TYR A 254 -15.07 4.28 -0.09
CA TYR A 254 -14.42 4.39 1.21
C TYR A 254 -15.42 4.58 2.35
N ILE A 255 -16.51 5.26 2.05
CA ILE A 255 -17.58 5.52 3.03
C ILE A 255 -18.76 4.55 2.90
N SER A 256 -19.10 4.14 1.67
CA SER A 256 -20.22 3.21 1.43
C SER A 256 -19.94 1.79 1.98
N ALA A 257 -18.68 1.37 1.93
CA ALA A 257 -18.26 0.08 2.50
C ALA A 257 -18.33 0.06 4.03
N LEU A 258 -18.15 1.22 4.66
CA LEU A 258 -18.32 1.37 6.11
C LEU A 258 -19.79 1.38 6.58
N GLY A 259 -20.74 1.40 5.65
CA GLY A 259 -22.17 1.40 5.98
C GLY A 259 -22.75 2.80 6.07
N TYR A 260 -22.26 3.72 5.24
CA TYR A 260 -22.74 5.11 5.21
C TYR A 260 -24.17 5.17 4.66
N LEU A 261 -25.01 5.98 5.31
CA LEU A 261 -26.44 6.12 5.00
C LEU A 261 -27.25 4.81 5.10
N SER A 262 -26.84 3.93 6.02
CA SER A 262 -27.63 2.74 6.36
C SER A 262 -28.18 2.89 7.76
N ASP A 263 -29.10 1.98 8.11
CA ASP A 263 -29.61 1.83 9.49
C ASP A 263 -28.53 1.80 10.57
N ASP A 264 -27.46 1.04 10.29
CA ASP A 264 -26.36 0.84 11.24
C ASP A 264 -25.07 1.44 10.64
N GLU A 265 -24.76 2.66 11.05
CA GLU A 265 -23.50 3.34 10.70
C GLU A 265 -22.48 3.23 11.84
N SER A 266 -22.50 2.13 12.60
CA SER A 266 -21.60 1.93 13.73
C SER A 266 -20.16 1.72 13.27
N LEU A 267 -20.01 1.05 12.13
CA LEU A 267 -18.71 0.81 11.50
C LEU A 267 -18.18 2.11 10.87
N PHE A 268 -19.10 2.93 10.34
CA PHE A 268 -18.76 4.25 9.78
C PHE A 268 -18.34 5.27 10.84
N ASN A 269 -19.08 5.33 11.95
CA ASN A 269 -18.74 6.20 13.09
C ASN A 269 -17.40 5.80 13.72
N LYS A 270 -17.09 4.50 13.67
CA LYS A 270 -15.86 3.96 14.22
C LYS A 270 -14.63 4.30 13.38
N TYR A 271 -14.71 4.05 12.07
CA TYR A 271 -13.53 4.10 11.18
C TYR A 271 -13.36 5.36 10.33
N TRP A 272 -14.42 6.16 10.16
CA TRP A 272 -14.33 7.41 9.40
C TRP A 272 -14.08 8.59 10.37
N PRO A 273 -13.20 9.55 10.05
CA PRO A 273 -12.44 9.65 8.79
C PRO A 273 -11.27 8.68 8.66
N ALA A 274 -10.89 8.40 7.41
CA ALA A 274 -9.78 7.51 7.09
C ALA A 274 -8.45 8.15 7.47
N ASP A 275 -7.54 7.33 8.01
CA ASP A 275 -6.21 7.79 8.42
C ASP A 275 -5.31 8.01 7.21
N ILE A 276 -5.29 7.05 6.29
CA ILE A 276 -4.55 7.18 5.03
C ILE A 276 -5.39 6.70 3.86
N HIS A 277 -5.37 7.49 2.79
CA HIS A 277 -5.76 7.03 1.45
C HIS A 277 -4.46 6.83 0.69
N LEU A 278 -4.16 5.58 0.37
CA LEU A 278 -2.93 5.21 -0.32
C LEU A 278 -3.24 5.07 -1.80
N MET A 279 -2.35 5.57 -2.67
CA MET A 279 -2.56 5.56 -4.12
C MET A 279 -1.27 5.89 -4.89
N ALA A 280 -1.35 5.76 -6.22
CA ALA A 280 -0.28 6.20 -7.12
C ALA A 280 -0.47 7.68 -7.48
N LYS A 281 0.62 8.30 -7.92
CA LYS A 281 0.69 9.76 -8.12
C LYS A 281 -0.15 10.39 -9.26
N GLU A 282 -0.74 9.57 -10.13
CA GLU A 282 -1.58 10.10 -11.24
C GLU A 282 -3.08 10.19 -10.93
N ILE A 283 -3.49 9.79 -9.73
CA ILE A 283 -4.90 9.88 -9.29
C ILE A 283 -5.03 10.56 -7.92
N VAL A 284 -4.12 11.50 -7.64
CA VAL A 284 -4.12 12.25 -6.36
C VAL A 284 -5.07 13.45 -6.47
N ARG A 285 -5.22 14.01 -7.69
CA ARG A 285 -6.16 15.12 -7.93
C ARG A 285 -7.61 14.77 -7.54
N PHE A 286 -8.00 13.51 -7.71
CA PHE A 286 -9.37 13.06 -7.41
C PHE A 286 -9.56 12.95 -5.90
N HIS A 287 -8.57 12.38 -5.22
CA HIS A 287 -8.61 12.16 -3.76
C HIS A 287 -8.33 13.39 -2.91
N SER A 288 -7.76 14.43 -3.51
CA SER A 288 -7.31 15.60 -2.77
C SER A 288 -7.90 16.96 -3.23
N ILE A 289 -8.61 16.99 -4.36
CA ILE A 289 -9.44 18.15 -4.75
C ILE A 289 -10.92 17.77 -4.69
N ILE A 290 -11.31 16.78 -5.49
CA ILE A 290 -12.73 16.42 -5.67
C ILE A 290 -13.30 15.72 -4.44
N TRP A 291 -12.56 14.73 -3.93
CA TRP A 291 -12.98 13.94 -2.77
C TRP A 291 -13.19 14.78 -1.49
N PRO A 292 -12.28 15.72 -1.19
CA PRO A 292 -12.57 16.67 -0.09
C PRO A 292 -13.73 17.63 -0.35
N ILE A 293 -13.82 18.21 -1.57
CA ILE A 293 -14.94 19.09 -1.94
C ILE A 293 -16.29 18.36 -1.85
N LEU A 294 -16.30 17.10 -2.29
CA LEU A 294 -17.51 16.26 -2.20
C LEU A 294 -17.94 16.02 -0.76
N LEU A 295 -17.00 15.66 0.10
CA LEU A 295 -17.27 15.44 1.54
C LEU A 295 -17.71 16.74 2.24
N MET A 296 -17.19 17.88 1.80
CA MET A 296 -17.66 19.20 2.26
C MET A 296 -19.13 19.43 1.94
N ALA A 297 -19.55 19.01 0.74
CA ALA A 297 -20.95 19.11 0.31
C ALA A 297 -21.88 18.18 1.10
N LEU A 298 -21.39 16.99 1.45
CA LEU A 298 -22.12 16.05 2.31
C LEU A 298 -22.00 16.36 3.82
N ASP A 299 -21.11 17.29 4.18
CA ASP A 299 -20.84 17.68 5.57
C ASP A 299 -20.26 16.50 6.35
N LEU A 300 -19.13 16.00 5.84
CA LEU A 300 -18.44 14.85 6.42
C LEU A 300 -16.99 15.22 6.75
N PRO A 301 -16.43 14.64 7.83
CA PRO A 301 -15.02 14.88 8.15
C PRO A 301 -14.08 14.33 7.09
N LEU A 302 -13.06 15.12 6.73
CA LEU A 302 -12.15 14.78 5.64
C LEU A 302 -11.09 13.79 6.11
N PRO A 303 -10.43 13.09 5.15
CA PRO A 303 -9.30 12.23 5.49
C PRO A 303 -8.14 12.98 6.15
N LYS A 304 -7.31 12.24 6.88
CA LYS A 304 -6.18 12.81 7.60
C LYS A 304 -4.97 12.93 6.67
N LYS A 305 -4.71 11.85 5.91
CA LYS A 305 -3.61 11.82 4.94
C LYS A 305 -4.04 11.22 3.60
N VAL A 306 -3.35 11.65 2.54
CA VAL A 306 -3.46 11.05 1.20
C VAL A 306 -2.04 10.77 0.72
N PHE A 307 -1.51 9.60 1.11
CA PHE A 307 -0.17 9.20 0.72
C PHE A 307 -0.15 8.75 -0.75
N ALA A 308 0.56 9.51 -1.58
CA ALA A 308 0.72 9.19 -3.01
C ALA A 308 2.13 8.71 -3.29
N HIS A 309 2.27 7.45 -3.71
CA HIS A 309 3.57 6.86 -4.05
C HIS A 309 3.91 7.01 -5.53
N GLY A 310 5.19 6.83 -5.85
CA GLY A 310 5.69 6.94 -7.23
C GLY A 310 5.43 5.70 -8.06
N TRP A 311 6.01 5.70 -9.27
CA TRP A 311 5.88 4.58 -10.21
C TRP A 311 7.04 3.60 -10.12
N ILE A 312 6.85 2.43 -10.72
CA ILE A 312 7.90 1.44 -10.92
C ILE A 312 8.18 1.39 -12.42
N LEU A 313 9.26 2.04 -12.83
CA LEU A 313 9.65 2.15 -14.24
C LEU A 313 10.44 0.91 -14.68
N MET A 314 10.69 0.81 -15.99
CA MET A 314 11.24 -0.38 -16.61
C MET A 314 12.54 -0.04 -17.38
N LYS A 315 13.44 0.69 -16.71
CA LYS A 315 14.74 1.11 -17.27
C LYS A 315 14.68 2.21 -18.36
N ASP A 316 13.51 2.37 -19.00
CA ASP A 316 13.18 3.55 -19.82
C ASP A 316 11.84 4.15 -19.37
N GLY A 317 10.76 3.36 -19.46
CA GLY A 317 9.45 3.81 -19.01
C GLY A 317 8.38 2.72 -18.91
N LYS A 318 8.03 2.39 -17.66
CA LYS A 318 6.86 1.57 -17.32
C LYS A 318 6.79 0.23 -18.05
N VAL A 326 5.45 -4.24 -17.80
CA VAL A 326 4.98 -5.59 -18.08
C VAL A 326 5.64 -6.67 -17.22
N VAL A 327 5.92 -6.35 -15.96
CA VAL A 327 6.46 -7.30 -14.99
C VAL A 327 5.26 -7.88 -14.26
N ASP A 328 5.15 -9.21 -14.24
CA ASP A 328 3.99 -9.89 -13.64
C ASP A 328 4.33 -10.31 -12.20
N PRO A 329 3.56 -9.82 -11.21
CA PRO A 329 3.73 -10.26 -9.80
C PRO A 329 3.63 -11.77 -9.61
N ASN A 330 2.63 -12.38 -10.26
CA ASN A 330 2.45 -13.84 -10.28
C ASN A 330 3.72 -14.60 -10.66
N ILE A 331 4.35 -14.16 -11.74
CA ILE A 331 5.57 -14.80 -12.28
C ILE A 331 6.75 -14.63 -11.32
N LEU A 332 6.82 -13.48 -10.63
CA LEU A 332 7.86 -13.24 -9.62
C LEU A 332 7.69 -14.11 -8.37
N ILE A 333 6.44 -14.27 -7.92
CA ILE A 333 6.12 -15.10 -6.75
C ILE A 333 6.38 -16.59 -7.01
N ASP A 334 6.09 -17.04 -8.24
CA ASP A 334 6.33 -18.44 -8.63
C ASP A 334 7.83 -18.78 -8.76
N ARG A 335 8.62 -17.87 -9.34
CA ARG A 335 10.05 -18.12 -9.55
C ARG A 335 10.87 -17.95 -8.26
N TYR A 336 10.65 -16.84 -7.54
CA TYR A 336 11.50 -16.46 -6.40
C TYR A 336 10.81 -16.46 -5.03
N GLY A 337 9.52 -16.82 -4.98
CA GLY A 337 8.78 -16.85 -3.72
C GLY A 337 8.14 -15.51 -3.37
N LEU A 338 7.25 -15.54 -2.39
CA LEU A 338 6.48 -14.35 -2.00
C LEU A 338 7.33 -13.33 -1.26
N ASP A 339 8.07 -13.79 -0.25
CA ASP A 339 8.93 -12.91 0.56
C ASP A 339 9.91 -12.09 -0.28
N ALA A 340 10.46 -12.71 -1.33
CA ALA A 340 11.33 -12.03 -2.28
C ALA A 340 10.61 -10.90 -3.04
N THR A 341 9.41 -11.21 -3.51
CA THR A 341 8.60 -10.26 -4.28
C THR A 341 8.09 -9.12 -3.40
N ARG A 342 7.57 -9.47 -2.22
CA ARG A 342 7.13 -8.48 -1.21
C ARG A 342 8.27 -7.57 -0.74
N TYR A 343 9.41 -8.18 -0.42
CA TYR A 343 10.60 -7.45 0.03
C TYR A 343 11.12 -6.49 -1.04
N TYR A 344 11.24 -6.99 -2.27
CA TYR A 344 11.71 -6.19 -3.40
C TYR A 344 10.88 -4.93 -3.62
N LEU A 345 9.56 -5.08 -3.58
CA LEU A 345 8.64 -3.97 -3.80
C LEU A 345 8.84 -2.84 -2.78
N MET A 346 8.83 -3.18 -1.51
CA MET A 346 8.96 -2.20 -0.42
C MET A 346 10.36 -1.61 -0.31
N ARG A 347 11.38 -2.38 -0.71
CA ARG A 347 12.77 -1.94 -0.64
C ARG A 347 13.17 -0.98 -1.77
N GLU A 348 12.61 -1.18 -2.97
CA GLU A 348 13.06 -0.47 -4.17
C GLU A 348 12.22 0.73 -4.62
N LEU A 349 11.11 1.02 -3.93
CA LEU A 349 10.35 2.26 -4.17
C LEU A 349 10.43 3.18 -2.94
N PRO A 350 11.24 4.26 -3.01
CA PRO A 350 11.35 5.19 -1.89
C PRO A 350 10.21 6.21 -1.75
N PHE A 351 10.29 6.99 -0.68
CA PHE A 351 9.33 8.05 -0.36
C PHE A 351 9.65 9.28 -1.22
N GLY A 352 8.69 9.68 -2.05
CA GLY A 352 8.87 10.79 -2.98
C GLY A 352 9.69 10.50 -4.23
N SER A 353 9.81 9.21 -4.58
CA SER A 353 10.60 8.79 -5.74
C SER A 353 9.94 7.65 -6.49
N ASP A 354 10.37 7.49 -7.74
CA ASP A 354 10.02 6.33 -8.56
C ASP A 354 11.13 5.30 -8.39
N GLY A 355 10.85 4.08 -8.86
CA GLY A 355 11.82 2.99 -8.84
C GLY A 355 11.98 2.41 -10.22
N VAL A 356 13.06 1.65 -10.41
CA VAL A 356 13.24 0.84 -11.62
C VAL A 356 13.16 -0.63 -11.23
N PHE A 357 12.45 -1.41 -12.04
CA PHE A 357 12.56 -2.86 -11.97
C PHE A 357 13.59 -3.27 -13.00
N THR A 358 14.66 -3.94 -12.54
CA THR A 358 15.51 -4.72 -13.44
C THR A 358 15.59 -6.14 -12.87
N PRO A 359 15.57 -7.17 -13.74
CA PRO A 359 15.72 -8.56 -13.26
C PRO A 359 17.03 -8.83 -12.53
N GLU A 360 18.09 -8.11 -12.90
CA GLU A 360 19.38 -8.21 -12.23
C GLU A 360 19.27 -7.67 -10.81
N ALA A 361 18.67 -6.48 -10.68
CA ALA A 361 18.40 -5.88 -9.37
C ALA A 361 17.50 -6.75 -8.49
N PHE A 362 16.53 -7.43 -9.10
CA PHE A 362 15.61 -8.32 -8.36
C PHE A 362 16.32 -9.50 -7.71
N VAL A 363 17.18 -10.18 -8.47
CA VAL A 363 17.85 -11.41 -7.96
C VAL A 363 18.98 -11.08 -6.97
N GLU A 364 19.65 -9.94 -7.17
CA GLU A 364 20.62 -9.43 -6.19
C GLU A 364 19.94 -9.20 -4.85
N ARG A 365 18.79 -8.53 -4.88
CA ARG A 365 17.99 -8.25 -3.68
C ARG A 365 17.43 -9.53 -3.05
N THR A 366 17.11 -10.53 -3.88
CA THR A 366 16.62 -11.82 -3.40
C THR A 366 17.73 -12.71 -2.84
N ASN A 367 18.88 -12.76 -3.53
CA ASN A 367 19.97 -13.65 -3.15
C ASN A 367 20.91 -13.05 -2.10
N PHE A 368 21.26 -11.78 -2.24
CA PHE A 368 22.27 -11.16 -1.36
C PHE A 368 21.64 -10.71 -0.04
N ASP A 369 20.48 -10.04 -0.11
CA ASP A 369 19.84 -9.50 1.09
C ASP A 369 19.07 -10.56 1.88
N LEU A 370 18.25 -11.37 1.20
CA LEU A 370 17.42 -12.37 1.89
C LEU A 370 18.16 -13.68 2.11
N ALA A 371 18.59 -14.33 1.03
CA ALA A 371 19.19 -15.67 1.11
C ALA A 371 20.54 -15.70 1.84
N ASN A 372 21.37 -14.66 1.62
CA ASN A 372 22.69 -14.57 2.25
C ASN A 372 22.67 -13.83 3.58
N ASP A 373 22.31 -12.54 3.55
CA ASP A 373 22.42 -11.67 4.74
C ASP A 373 21.58 -12.17 5.93
N LEU A 374 20.31 -12.47 5.68
CA LEU A 374 19.42 -12.97 6.73
C LEU A 374 19.37 -14.51 6.78
N GLY A 375 19.20 -15.14 5.62
CA GLY A 375 19.08 -16.59 5.52
C GLY A 375 20.27 -17.34 6.08
N ASN A 376 21.47 -16.91 5.72
CA ASN A 376 22.71 -17.54 6.17
C ASN A 376 23.11 -17.10 7.59
N LEU A 377 22.62 -15.94 8.07
CA LEU A 377 22.80 -15.55 9.47
C LEU A 377 22.13 -16.56 10.42
N VAL A 378 20.90 -16.95 10.08
CA VAL A 378 20.15 -17.94 10.85
C VAL A 378 20.82 -19.31 10.72
N ASN A 379 21.38 -19.59 9.55
CA ASN A 379 22.06 -20.86 9.27
C ASN A 379 23.41 -20.98 10.00
N ARG A 380 24.19 -19.90 9.97
CA ARG A 380 25.47 -19.83 10.71
C ARG A 380 25.26 -19.98 12.22
N THR A 381 24.24 -19.29 12.75
CA THR A 381 23.94 -19.29 14.18
C THR A 381 23.51 -20.66 14.69
N ILE A 382 22.49 -21.23 14.05
CA ILE A 382 21.90 -22.51 14.48
C ILE A 382 22.92 -23.66 14.41
N SER A 383 23.80 -23.64 13.41
CA SER A 383 24.87 -24.64 13.27
C SER A 383 25.87 -24.60 14.43
N MET A 384 26.27 -23.39 14.81
CA MET A 384 27.20 -23.19 15.93
C MET A 384 26.59 -23.60 17.28
N VAL A 385 25.29 -23.38 17.46
CA VAL A 385 24.58 -23.82 18.67
C VAL A 385 24.46 -25.35 18.69
N ASN A 386 24.24 -25.96 17.52
CA ASN A 386 24.26 -27.42 17.37
C ASN A 386 25.65 -28.01 17.62
N LYS A 387 26.68 -27.40 17.04
CA LYS A 387 28.05 -27.89 17.16
C LYS A 387 28.60 -27.74 18.57
N TYR A 388 28.44 -26.55 19.16
CA TYR A 388 29.08 -26.21 20.44
C TYR A 388 28.29 -26.59 21.70
N PHE A 389 26.95 -26.72 21.59
CA PHE A 389 26.10 -27.07 22.74
C PHE A 389 25.08 -28.18 22.49
N ASP A 390 25.24 -28.94 21.38
CA ASP A 390 24.29 -29.99 20.97
C ASP A 390 22.83 -29.51 20.83
N GLY A 391 22.65 -28.24 20.45
CA GLY A 391 21.31 -27.66 20.25
C GLY A 391 20.79 -26.85 21.42
N GLU A 392 21.28 -27.11 22.64
CA GLU A 392 20.83 -26.39 23.84
C GLU A 392 21.42 -24.98 23.87
N LEU A 393 20.65 -24.02 23.36
CA LEU A 393 21.05 -22.61 23.31
C LEU A 393 21.10 -22.03 24.72
N PRO A 394 22.28 -21.54 25.17
CA PRO A 394 22.37 -20.96 26.52
C PRO A 394 21.48 -19.75 26.77
N ALA A 395 21.05 -19.60 28.02
CA ALA A 395 20.18 -18.50 28.43
C ALA A 395 20.93 -17.17 28.43
N TYR A 396 20.19 -16.09 28.21
CA TYR A 396 20.75 -14.73 28.24
C TYR A 396 21.05 -14.33 29.69
N GLN A 397 22.28 -13.88 29.92
CA GLN A 397 22.72 -13.41 31.24
C GLN A 397 22.82 -11.88 31.26
N GLY A 398 23.63 -11.34 30.35
CA GLY A 398 23.82 -9.90 30.22
C GLY A 398 24.82 -9.58 29.12
N PRO A 399 25.21 -8.29 28.96
CA PRO A 399 26.28 -7.95 28.02
C PRO A 399 27.66 -8.35 28.57
N LEU A 400 27.96 -9.65 28.46
CA LEU A 400 29.20 -10.20 29.02
C LEU A 400 30.40 -9.92 28.12
N HIS A 401 30.17 -9.86 26.81
CA HIS A 401 31.24 -9.57 25.84
C HIS A 401 31.49 -8.06 25.75
N GLU A 402 32.70 -7.72 25.32
CA GLU A 402 33.15 -6.33 25.12
C GLU A 402 32.26 -5.50 24.16
N LEU A 403 31.77 -6.14 23.11
CA LEU A 403 30.99 -5.50 22.05
C LEU A 403 29.49 -5.42 22.35
N ASP A 404 29.02 -6.27 23.26
CA ASP A 404 27.57 -6.44 23.51
C ASP A 404 26.83 -5.14 23.83
N GLU A 405 27.44 -4.30 24.65
CA GLU A 405 26.77 -3.12 25.19
C GLU A 405 26.35 -2.12 24.10
N GLU A 406 27.21 -1.89 23.13
CA GLU A 406 26.91 -0.98 22.01
C GLU A 406 26.10 -1.67 20.90
N MET A 407 26.15 -3.01 20.84
CA MET A 407 25.30 -3.79 19.93
C MET A 407 23.87 -3.92 20.45
N GLU A 408 23.71 -4.07 21.76
CA GLU A 408 22.38 -4.08 22.40
C GLU A 408 21.69 -2.73 22.26
N ALA A 409 22.45 -1.65 22.42
CA ALA A 409 21.97 -0.29 22.16
C ALA A 409 21.66 -0.08 20.67
N MET A 410 22.47 -0.70 19.80
CA MET A 410 22.24 -0.74 18.35
C MET A 410 20.88 -1.37 18.02
N ALA A 411 20.56 -2.47 18.71
CA ALA A 411 19.28 -3.17 18.53
C ALA A 411 18.07 -2.32 18.93
N LEU A 412 18.19 -1.60 20.03
CA LEU A 412 17.12 -0.72 20.50
C LEU A 412 17.01 0.55 19.64
N GLU A 413 18.13 1.05 19.14
CA GLU A 413 18.13 2.14 18.14
C GLU A 413 17.59 1.70 16.78
N THR A 414 17.80 0.43 16.43
CA THR A 414 17.20 -0.16 15.23
C THR A 414 15.67 -0.19 15.30
N VAL A 415 15.13 -0.52 16.47
CA VAL A 415 13.67 -0.52 16.69
C VAL A 415 13.13 0.92 16.70
N LYS A 416 13.91 1.83 17.30
CA LYS A 416 13.56 3.26 17.36
C LYS A 416 13.52 3.92 15.98
N SER A 417 14.61 3.79 15.23
CA SER A 417 14.77 4.39 13.90
C SER A 417 13.73 3.85 12.91
N TYR A 418 13.58 2.52 12.91
CA TYR A 418 12.56 1.80 12.13
C TYR A 418 11.16 2.38 12.33
N THR A 419 10.78 2.58 13.59
CA THR A 419 9.45 3.11 13.94
C THR A 419 9.21 4.48 13.30
N GLU A 420 10.19 5.36 13.41
CA GLU A 420 10.11 6.72 12.84
C GLU A 420 9.98 6.68 11.31
N SER A 421 10.68 5.73 10.68
CA SER A 421 10.57 5.49 9.25
C SER A 421 9.21 4.88 8.85
N MET A 422 8.69 3.96 9.67
CA MET A 422 7.38 3.35 9.43
C MET A 422 6.21 4.33 9.59
N GLU A 423 6.32 5.25 10.54
CA GLU A 423 5.27 6.26 10.78
C GLU A 423 5.17 7.29 9.65
N SER A 424 6.32 7.70 9.10
CA SER A 424 6.37 8.66 7.99
C SER A 424 6.36 8.00 6.60
N LEU A 425 6.02 6.71 6.54
CA LEU A 425 5.75 5.98 5.28
C LEU A 425 7.00 5.82 4.41
N GLN A 426 8.13 5.56 5.06
CA GLN A 426 9.43 5.38 4.40
C GLN A 426 9.88 3.94 4.63
N PHE A 427 9.34 3.04 3.82
CA PHE A 427 9.47 1.59 4.05
C PHE A 427 10.82 1.05 3.61
N SER A 428 11.38 1.62 2.53
CA SER A 428 12.72 1.27 2.07
C SER A 428 13.84 1.70 3.03
N VAL A 429 13.59 2.76 3.81
CA VAL A 429 14.56 3.27 4.77
C VAL A 429 14.50 2.45 6.06
N ALA A 430 13.29 2.07 6.47
CA ALA A 430 13.08 1.14 7.59
C ALA A 430 13.70 -0.23 7.29
N LEU A 431 13.53 -0.71 6.06
CA LEU A 431 14.12 -1.99 5.64
C LEU A 431 15.65 -1.94 5.58
N SER A 432 16.22 -0.83 5.10
CA SER A 432 17.68 -0.65 5.08
C SER A 432 18.28 -0.54 6.50
N THR A 433 17.51 0.06 7.41
CA THR A 433 17.88 0.14 8.82
C THR A 433 17.94 -1.24 9.48
N VAL A 434 16.95 -2.08 9.17
CA VAL A 434 16.89 -3.44 9.72
C VAL A 434 18.05 -4.29 9.16
N TRP A 435 18.36 -4.15 7.87
CA TRP A 435 19.48 -4.88 7.26
C TRP A 435 20.87 -4.40 7.68
N LYS A 436 20.97 -3.14 8.10
CA LYS A 436 22.17 -2.60 8.75
C LYS A 436 22.48 -3.41 10.01
N PHE A 437 21.42 -3.71 10.76
CA PHE A 437 21.48 -4.50 11.99
C PHE A 437 21.78 -5.98 11.75
N ILE A 438 21.22 -6.54 10.66
CA ILE A 438 21.47 -7.94 10.27
C ILE A 438 22.92 -8.09 9.81
N SER A 439 23.40 -7.11 9.05
CA SER A 439 24.82 -7.02 8.65
C SER A 439 25.76 -6.96 9.85
N ARG A 440 25.36 -6.20 10.87
CA ARG A 440 26.08 -6.11 12.14
C ARG A 440 26.13 -7.48 12.83
N THR A 441 24.97 -8.14 12.92
CA THR A 441 24.85 -9.46 13.56
C THR A 441 25.72 -10.54 12.89
N ASN A 442 25.85 -10.46 11.56
CA ASN A 442 26.80 -11.30 10.81
C ASN A 442 28.25 -10.93 11.13
N LYS A 443 28.53 -9.64 11.19
CA LYS A 443 29.86 -9.14 11.55
C LYS A 443 30.26 -9.48 12.99
N TYR A 444 29.27 -9.63 13.87
CA TYR A 444 29.48 -10.07 15.26
C TYR A 444 30.04 -11.50 15.37
N ILE A 445 29.74 -12.36 14.37
CA ILE A 445 30.34 -13.70 14.28
C ILE A 445 31.83 -13.59 13.95
N ASP A 446 32.17 -12.69 13.04
CA ASP A 446 33.56 -12.49 12.61
C ASP A 446 34.43 -11.86 13.70
N GLU A 447 33.86 -10.93 14.46
CA GLU A 447 34.57 -10.24 15.53
C GLU A 447 34.83 -11.12 16.74
N THR A 448 33.78 -11.76 17.25
CA THR A 448 33.88 -12.59 18.46
C THR A 448 34.68 -13.87 18.24
N THR A 449 34.77 -14.34 16.99
CA THR A 449 35.42 -15.60 16.62
C THR A 449 35.08 -16.75 17.61
N PRO A 450 33.80 -17.19 17.62
CA PRO A 450 33.27 -18.24 18.52
C PRO A 450 34.04 -19.57 18.52
N TRP A 451 34.56 -19.94 17.36
CA TRP A 451 35.38 -21.15 17.18
C TRP A 451 36.69 -21.15 17.98
N VAL A 452 37.19 -19.96 18.33
CA VAL A 452 38.38 -19.81 19.19
C VAL A 452 37.96 -19.92 20.66
N LEU A 453 36.78 -19.41 21.00
CA LEU A 453 36.19 -19.58 22.34
C LEU A 453 35.80 -21.04 22.61
N ALA A 454 35.36 -21.75 21.56
CA ALA A 454 34.97 -23.16 21.67
C ALA A 454 36.14 -24.10 22.00
N LYS A 455 37.36 -23.73 21.58
CA LYS A 455 38.56 -24.50 21.88
C LYS A 455 38.96 -24.48 23.37
N ASP A 456 38.58 -23.40 24.08
CA ASP A 456 38.92 -23.22 25.50
C ASP A 456 37.73 -23.62 26.38
N ASP A 457 38.00 -24.39 27.44
CA ASP A 457 36.96 -24.82 28.39
C ASP A 457 36.51 -23.69 29.34
N SER A 458 37.42 -22.75 29.61
CA SER A 458 37.09 -21.58 30.44
C SER A 458 36.25 -20.51 29.71
N GLN A 459 36.18 -20.59 28.38
CA GLN A 459 35.44 -19.62 27.56
C GLN A 459 34.07 -20.14 27.09
N LYS A 460 33.54 -21.18 27.75
CA LYS A 460 32.21 -21.71 27.44
C LYS A 460 31.10 -20.72 27.83
N ASP A 461 31.33 -19.99 28.93
CA ASP A 461 30.40 -18.98 29.42
C ASP A 461 30.29 -17.81 28.42
N MET A 462 31.43 -17.37 27.91
CA MET A 462 31.49 -16.31 26.89
C MET A 462 30.97 -16.79 25.53
N LEU A 463 31.19 -18.06 25.20
CA LEU A 463 30.68 -18.65 23.96
C LEU A 463 29.15 -18.64 23.93
N GLY A 464 28.53 -19.06 25.03
CA GLY A 464 27.08 -19.04 25.18
C GLY A 464 26.46 -17.65 25.13
N ASN A 465 27.20 -16.66 25.65
CA ASN A 465 26.80 -15.26 25.56
C ASN A 465 26.69 -14.76 24.11
N VAL A 466 27.68 -15.16 23.29
CA VAL A 466 27.74 -14.77 21.88
C VAL A 466 26.61 -15.41 21.05
N MET A 467 26.30 -16.69 21.32
CA MET A 467 25.19 -17.38 20.65
C MET A 467 23.84 -16.78 21.04
N ALA A 468 23.67 -16.48 22.33
CA ALA A 468 22.45 -15.87 22.86
C ALA A 468 22.20 -14.47 22.30
N HIS A 469 23.27 -13.71 22.09
CA HIS A 469 23.18 -12.39 21.44
C HIS A 469 22.90 -12.51 19.95
N LEU A 470 23.53 -13.50 19.32
CA LEU A 470 23.27 -13.87 17.92
C LEU A 470 21.79 -14.11 17.68
N VAL A 471 21.20 -14.96 18.51
CA VAL A 471 19.80 -15.36 18.39
C VAL A 471 18.84 -14.23 18.78
N GLU A 472 19.19 -13.47 19.82
CA GLU A 472 18.38 -12.31 20.23
C GLU A 472 18.37 -11.21 19.17
N ASN A 473 19.50 -11.01 18.49
CA ASN A 473 19.55 -10.11 17.33
C ASN A 473 18.66 -10.59 16.17
N ILE A 474 18.65 -11.89 15.91
CA ILE A 474 17.78 -12.49 14.87
C ILE A 474 16.30 -12.30 15.22
N ARG A 475 15.96 -12.54 16.49
CA ARG A 475 14.59 -12.38 16.99
C ARG A 475 14.08 -10.95 16.77
N TYR A 476 14.93 -9.96 17.09
CA TYR A 476 14.62 -8.55 16.83
C TYR A 476 14.31 -8.29 15.36
N ALA A 477 15.15 -8.79 14.47
CA ALA A 477 14.99 -8.61 13.02
C ALA A 477 13.70 -9.26 12.51
N ALA A 478 13.45 -10.51 12.91
CA ALA A 478 12.25 -11.25 12.50
C ALA A 478 10.95 -10.56 12.93
N VAL A 479 10.92 -10.03 14.14
CA VAL A 479 9.76 -9.28 14.66
C VAL A 479 9.49 -8.02 13.83
N LEU A 480 10.56 -7.27 13.51
CA LEU A 480 10.45 -6.05 12.71
C LEU A 480 10.07 -6.31 11.24
N LEU A 481 10.33 -7.51 10.75
CA LEU A 481 9.98 -7.92 9.37
C LEU A 481 8.60 -8.56 9.22
N ARG A 482 7.86 -8.74 10.31
CA ARG A 482 6.52 -9.34 10.26
C ARG A 482 5.51 -8.58 9.37
N PRO A 483 5.54 -7.23 9.37
CA PRO A 483 4.73 -6.47 8.42
C PRO A 483 5.12 -6.71 6.95
N PHE A 484 6.41 -6.88 6.70
CA PHE A 484 6.96 -7.05 5.34
C PHE A 484 6.94 -8.50 4.85
N LEU A 485 7.49 -9.40 5.66
CA LEU A 485 7.64 -10.81 5.32
C LEU A 485 6.63 -11.67 6.07
N THR A 486 5.83 -12.43 5.33
CA THR A 486 4.77 -13.27 5.88
C THR A 486 5.17 -14.75 6.04
N HIS A 487 6.35 -15.13 5.56
CA HIS A 487 6.90 -16.49 5.74
C HIS A 487 8.14 -16.55 6.63
N ALA A 488 9.11 -15.68 6.37
CA ALA A 488 10.46 -15.81 6.96
C ALA A 488 10.54 -15.73 8.49
N PRO A 489 9.94 -14.68 9.12
CA PRO A 489 9.95 -14.61 10.59
C PRO A 489 9.34 -15.83 11.27
N LYS A 490 8.31 -16.41 10.64
CA LYS A 490 7.52 -17.49 11.21
C LYS A 490 8.35 -18.77 11.19
N GLU A 491 9.06 -18.99 10.08
CA GLU A 491 10.07 -20.07 9.97
C GLU A 491 11.24 -19.87 10.93
N ILE A 492 11.72 -18.63 11.06
CA ILE A 492 12.83 -18.28 11.95
C ILE A 492 12.53 -18.66 13.41
N PHE A 493 11.32 -18.36 13.87
CA PHE A 493 10.91 -18.72 15.24
C PHE A 493 10.76 -20.23 15.44
N GLU A 494 10.33 -20.95 14.41
CA GLU A 494 10.20 -22.42 14.46
C GLU A 494 11.53 -23.14 14.58
N GLN A 495 12.51 -22.73 13.77
CA GLN A 495 13.86 -23.32 13.80
C GLN A 495 14.61 -22.98 15.10
N LEU A 496 14.51 -21.73 15.53
CA LEU A 496 15.03 -21.30 16.85
C LEU A 496 14.25 -21.87 18.03
N ASN A 497 13.01 -22.30 17.78
CA ASN A 497 12.12 -22.88 18.79
C ASN A 497 11.66 -21.81 19.80
N ILE A 498 11.38 -20.61 19.29
CA ILE A 498 10.78 -19.53 20.05
C ILE A 498 9.26 -19.69 19.92
N ASN A 499 8.68 -20.38 20.91
CA ASN A 499 7.26 -20.72 20.87
C ASN A 499 6.35 -19.72 21.59
N ASN A 500 6.92 -18.82 22.38
CA ASN A 500 6.15 -17.77 23.06
C ASN A 500 5.68 -16.76 22.00
N PRO A 501 4.35 -16.63 21.81
CA PRO A 501 3.86 -15.65 20.84
C PRO A 501 4.06 -14.19 21.26
N GLN A 502 4.30 -13.95 22.55
CA GLN A 502 4.63 -12.62 23.06
C GLN A 502 6.01 -12.15 22.60
N PHE A 503 6.95 -13.10 22.42
CA PHE A 503 8.28 -12.79 21.88
C PHE A 503 8.31 -12.55 20.36
N MET A 504 7.17 -12.71 19.70
CA MET A 504 6.98 -12.34 18.29
C MET A 504 6.38 -10.93 18.14
N GLU A 505 6.00 -10.29 19.26
CA GLU A 505 5.39 -8.95 19.26
C GLU A 505 6.43 -7.85 19.45
N PHE A 506 6.01 -6.61 19.23
CA PHE A 506 6.91 -5.43 19.36
C PHE A 506 7.31 -5.13 20.80
N SER A 507 6.44 -5.42 21.77
CA SER A 507 6.71 -5.14 23.18
C SER A 507 7.81 -6.00 23.80
N SER A 508 8.11 -7.16 23.18
CA SER A 508 9.25 -7.98 23.60
C SER A 508 10.61 -7.39 23.21
N LEU A 509 10.62 -6.40 22.32
CA LEU A 509 11.84 -5.68 21.92
C LEU A 509 12.18 -4.47 22.81
N GLU A 510 11.31 -4.14 23.77
CA GLU A 510 11.55 -3.01 24.70
C GLU A 510 12.76 -3.23 25.61
N GLN A 511 13.06 -4.47 25.95
CA GLN A 511 14.21 -4.84 26.78
C GLN A 511 14.95 -5.98 26.11
N TYR A 512 16.24 -5.77 25.83
CA TYR A 512 17.08 -6.78 25.16
C TYR A 512 17.39 -7.92 26.11
N GLY A 513 17.34 -9.14 25.57
CA GLY A 513 17.67 -10.36 26.32
C GLY A 513 16.45 -10.99 26.97
N VAL A 514 15.44 -11.25 26.16
CA VAL A 514 14.16 -11.79 26.63
C VAL A 514 14.25 -13.29 26.98
N LEU A 515 15.19 -14.01 26.34
CA LEU A 515 15.31 -15.46 26.50
C LEU A 515 16.16 -15.83 27.72
N ASN A 516 15.48 -15.98 28.87
CA ASN A 516 16.12 -16.24 30.17
C ASN A 516 16.28 -17.72 30.50
N GLU A 517 15.46 -18.57 29.86
CA GLU A 517 15.59 -20.02 29.97
C GLU A 517 16.20 -20.53 28.68
N SER A 518 17.00 -21.60 28.78
CA SER A 518 17.64 -22.21 27.61
C SER A 518 16.63 -22.91 26.71
N ILE A 519 16.97 -22.99 25.42
CA ILE A 519 16.07 -23.53 24.40
C ILE A 519 16.81 -24.58 23.55
N MET A 520 16.10 -25.64 23.19
CA MET A 520 16.60 -26.68 22.31
C MET A 520 16.21 -26.30 20.87
N VAL A 521 17.17 -25.85 20.09
CA VAL A 521 16.94 -25.46 18.69
C VAL A 521 16.87 -26.71 17.80
N THR A 522 16.48 -26.50 16.54
CA THR A 522 16.32 -27.61 15.59
C THR A 522 17.66 -28.27 15.23
N GLY A 523 17.66 -29.60 15.21
CA GLY A 523 18.80 -30.39 14.74
C GLY A 523 18.85 -30.54 13.23
N GLN A 524 17.77 -30.16 12.54
CA GLN A 524 17.72 -30.15 11.07
C GLN A 524 17.38 -28.71 10.63
N PRO A 525 18.39 -27.82 10.55
CA PRO A 525 18.13 -26.48 10.02
C PRO A 525 17.91 -26.52 8.52
N LYS A 526 16.75 -26.03 8.07
CA LYS A 526 16.41 -25.97 6.65
C LYS A 526 16.43 -24.52 6.19
N PRO A 527 16.60 -24.28 4.87
CA PRO A 527 16.59 -22.90 4.36
C PRO A 527 15.31 -22.12 4.67
N ILE A 528 15.49 -20.85 5.02
CA ILE A 528 14.37 -19.95 5.31
C ILE A 528 13.77 -19.49 3.99
N PHE A 529 14.65 -19.06 3.08
CA PHE A 529 14.27 -18.57 1.76
C PHE A 529 14.46 -19.66 0.70
N PRO A 530 13.59 -19.67 -0.35
CA PRO A 530 13.68 -20.68 -1.44
C PRO A 530 15.06 -20.79 -2.09
#